data_6JOK
#
_entry.id   6JOK
#
_cell.length_a   102.611
_cell.length_b   102.611
_cell.length_c   111.301
_cell.angle_alpha   90.00
_cell.angle_beta   90.00
_cell.angle_gamma   120.00
#
_symmetry.space_group_name_H-M   'P 31 2 1'
#
loop_
_entity.id
_entity.type
_entity.pdbx_description
1 polymer 'Platelet-derived growth factor receptor alpha'
2 non-polymer 'N-[2-(diethylamino)ethyl]-5-[(Z)-(5-fluoro-2-oxo-1,2-dihydro-3H-indol-3-ylidene)methyl]-2,4-dimethyl-1H-pyrrole-3-carbo xamide'
3 non-polymer 'CHLORIDE ION'
4 water water
#
_entity_poly.entity_id   1
_entity_poly.type   'polypeptide(L)'
_entity_poly.pdbx_seq_one_letter_code
;GAMDKQKPRYEIRWRVIESISPDGHEYIYVDPMQLPYDSRWEFPRDGLVLGRVLGSGAFGKVVEGTAYGLSRSQPVMKVA
VKMLKPTARSSEKQALMSELKIMTHLGPHLNIVNLLGACTKSGPIYIITEYCFYGDLVNYLHKNRDSFLSHKKKSMLDSE
VKNLLSDDNSEGLTLLDLLSFTYQVARGMEFLASKNCVHRDLAARNVLLAQGKIVKICDFGLARDIMHDSNYVSKGSTFL
PVKWMAPESIFDNLYTTLSDVWSYGILLWEIFSLGGTPYPGMMVDSTFYNKIKSGYRMAKPDHATSEVYEIMVKCWNSEP
EKRPSFYHLSEIVENLLPGQYKKSYEKIHLDFLKSD
;
_entity_poly.pdbx_strand_id   A
#
# COMPACT_ATOMS: atom_id res chain seq x y z
N GLU A 11 -4.75 16.12 -3.72
CA GLU A 11 -5.79 15.31 -3.08
C GLU A 11 -5.23 13.95 -2.66
N ILE A 12 -5.79 13.38 -1.59
CA ILE A 12 -5.36 12.11 -1.02
C ILE A 12 -6.50 11.11 -1.14
N ARG A 13 -6.14 9.85 -1.42
CA ARG A 13 -7.14 8.79 -1.53
C ARG A 13 -7.58 8.27 -0.17
N TRP A 14 -6.66 8.22 0.79
CA TRP A 14 -6.94 7.59 2.07
C TRP A 14 -8.08 8.28 2.79
N ARG A 15 -8.90 7.48 3.49
CA ARG A 15 -10.07 7.97 4.20
C ARG A 15 -10.28 7.15 5.46
N VAL A 16 -10.39 7.82 6.60
CA VAL A 16 -10.66 7.18 7.88
C VAL A 16 -12.12 7.39 8.24
N ILE A 17 -12.78 6.31 8.66
CA ILE A 17 -14.21 6.34 8.96
C ILE A 17 -14.41 6.81 10.39
N GLU A 18 -15.30 7.79 10.57
CA GLU A 18 -15.62 8.37 11.88
C GLU A 18 -16.92 7.82 12.46
N SER A 19 -17.92 7.61 11.62
CA SER A 19 -19.22 7.13 12.07
C SER A 19 -19.99 6.61 10.88
N ILE A 20 -20.86 5.64 11.14
CA ILE A 20 -21.76 5.07 10.15
C ILE A 20 -23.18 5.25 10.65
N SER A 21 -24.07 5.63 9.74
CA SER A 21 -25.48 5.72 10.09
C SER A 21 -26.01 4.35 10.46
N PRO A 22 -27.07 4.28 11.26
CA PRO A 22 -27.62 2.98 11.65
C PRO A 22 -28.04 2.06 10.51
N ASP A 23 -28.32 2.60 9.32
CA ASP A 23 -28.82 1.74 8.24
C ASP A 23 -27.90 0.61 7.81
N GLY A 24 -26.63 0.89 7.49
CA GLY A 24 -26.08 2.22 7.34
C GLY A 24 -25.66 2.53 5.93
N HIS A 25 -26.46 3.32 5.22
CA HIS A 25 -26.17 3.72 3.85
C HIS A 25 -25.35 5.01 3.78
N GLU A 26 -24.84 5.50 4.91
CA GLU A 26 -24.13 6.76 4.94
C GLU A 26 -22.89 6.62 5.82
N TYR A 27 -21.73 6.85 5.24
CA TYR A 27 -20.47 6.89 5.97
C TYR A 27 -20.07 8.35 6.21
N ILE A 28 -19.42 8.60 7.34
CA ILE A 28 -18.89 9.91 7.67
C ILE A 28 -17.38 9.76 7.92
N TYR A 29 -16.58 10.40 7.07
CA TYR A 29 -15.13 10.29 7.12
C TYR A 29 -14.55 11.43 7.94
N VAL A 30 -13.54 11.13 8.74
CA VAL A 30 -12.87 12.16 9.52
C VAL A 30 -12.26 13.20 8.58
N ASP A 31 -12.29 14.43 9.00
CA ASP A 31 -11.61 15.41 8.16
C ASP A 31 -10.26 15.74 8.77
N PRO A 32 -9.17 15.64 8.01
CA PRO A 32 -7.84 15.86 8.61
C PRO A 32 -7.64 17.25 9.19
N MET A 33 -8.09 18.30 8.50
CA MET A 33 -7.86 19.67 8.97
C MET A 33 -8.42 19.89 10.37
N GLN A 34 -9.42 19.10 10.74
CA GLN A 34 -10.00 19.12 12.07
C GLN A 34 -8.99 18.59 13.11
N LEU A 35 -8.26 17.54 12.73
CA LEU A 35 -7.32 16.89 13.63
C LEU A 35 -6.10 17.79 13.86
N PRO A 36 -5.47 17.68 15.03
CA PRO A 36 -4.35 18.58 15.34
C PRO A 36 -2.99 18.00 14.94
N TYR A 37 -2.14 18.83 14.33
CA TYR A 37 -0.78 18.43 13.99
C TYR A 37 0.08 18.48 15.25
N ASP A 38 0.57 17.32 15.68
CA ASP A 38 1.51 17.26 16.80
C ASP A 38 2.85 17.82 16.33
N SER A 39 3.24 18.96 16.90
CA SER A 39 4.49 19.61 16.52
C SER A 39 5.72 18.85 16.99
N ARG A 40 5.54 17.76 17.70
CA ARG A 40 6.68 16.97 18.11
C ARG A 40 7.34 16.43 16.85
N TRP A 41 6.54 16.11 15.84
CA TRP A 41 7.06 15.51 14.62
C TRP A 41 8.06 16.43 13.91
N GLU A 42 8.03 17.73 14.20
CA GLU A 42 8.84 18.70 13.48
C GLU A 42 10.32 18.36 13.56
N PHE A 43 10.99 18.49 12.42
CA PHE A 43 12.40 18.14 12.29
C PHE A 43 13.12 19.28 11.60
N PRO A 44 14.27 19.71 12.11
CA PRO A 44 14.97 20.84 11.48
C PRO A 44 15.36 20.54 10.05
N ARG A 45 15.06 21.50 9.17
CA ARG A 45 15.32 21.40 7.74
C ARG A 45 16.78 21.30 7.36
N ASP A 46 17.64 22.03 8.06
CA ASP A 46 19.06 22.01 7.74
C ASP A 46 19.64 20.62 7.88
N GLY A 47 19.18 19.88 8.88
CA GLY A 47 19.70 18.54 9.08
C GLY A 47 19.46 17.63 7.90
N LEU A 48 18.28 17.72 7.30
CA LEU A 48 17.93 16.88 6.15
C LEU A 48 18.71 17.15 4.86
N VAL A 49 19.10 16.10 4.16
CA VAL A 49 19.84 16.20 2.90
C VAL A 49 19.03 15.55 1.79
N LEU A 50 18.88 16.23 0.66
CA LEU A 50 18.07 15.68 -0.41
C LEU A 50 18.81 15.09 -1.61
N GLY A 51 18.48 13.84 -1.90
CA GLY A 51 19.03 13.06 -2.99
C GLY A 51 18.23 13.06 -4.29
N ARG A 52 18.54 12.09 -5.14
CA ARG A 52 17.87 11.93 -6.43
C ARG A 52 16.41 11.63 -6.22
N VAL A 53 15.57 12.05 -7.17
CA VAL A 53 14.13 11.85 -7.04
C VAL A 53 13.66 10.44 -7.35
N LEU A 54 13.03 9.82 -6.35
CA LEU A 54 12.47 8.48 -6.42
C LEU A 54 11.32 8.35 -7.42
N GLY A 55 10.43 9.33 -7.40
CA GLY A 55 9.26 9.33 -8.28
C GLY A 55 8.70 10.72 -8.45
N SER A 56 8.42 11.13 -9.69
CA SER A 56 7.92 12.46 -9.99
C SER A 56 6.55 12.37 -10.63
N GLY A 57 5.66 13.29 -10.26
CA GLY A 57 4.31 13.30 -10.78
C GLY A 57 3.76 14.69 -11.05
N ALA A 58 2.44 14.76 -11.26
CA ALA A 58 1.83 16.00 -11.72
C ALA A 58 1.91 17.09 -10.67
N PHE A 59 1.80 16.73 -9.40
CA PHE A 59 1.83 17.76 -8.38
C PHE A 59 2.98 17.78 -7.39
N GLY A 60 3.89 16.81 -7.47
CA GLY A 60 5.03 16.82 -6.57
C GLY A 60 5.93 15.65 -6.85
N LYS A 61 6.78 15.32 -5.88
CA LYS A 61 7.72 14.22 -6.05
C LYS A 61 8.09 13.66 -4.68
N VAL A 62 8.57 12.42 -4.68
CA VAL A 62 9.22 11.81 -3.52
C VAL A 62 10.71 11.72 -3.83
N VAL A 63 11.54 12.19 -2.90
CA VAL A 63 12.97 12.30 -3.08
C VAL A 63 13.67 11.46 -2.01
N GLU A 64 14.69 10.72 -2.42
CA GLU A 64 15.56 10.05 -1.46
C GLU A 64 16.33 11.10 -0.66
N GLY A 65 16.66 10.76 0.57
CA GLY A 65 17.34 11.72 1.43
C GLY A 65 18.03 11.02 2.59
N THR A 66 18.73 11.83 3.38
CA THR A 66 19.43 11.36 4.56
C THR A 66 19.11 12.30 5.72
N ALA A 67 18.69 11.73 6.84
CA ALA A 67 18.35 12.48 8.04
C ALA A 67 19.40 12.22 9.10
N TYR A 68 19.86 13.30 9.74
CA TYR A 68 20.86 13.22 10.79
C TYR A 68 20.20 13.59 12.12
N GLY A 69 20.25 12.66 13.08
CA GLY A 69 19.65 12.89 14.37
C GLY A 69 18.15 12.75 14.43
N LEU A 70 17.50 12.41 13.31
CA LEU A 70 16.07 12.15 13.36
C LEU A 70 15.76 10.93 14.21
N SER A 71 16.59 9.89 14.09
CA SER A 71 16.33 8.68 14.88
C SER A 71 17.39 8.34 15.91
N ARG A 72 16.94 8.04 17.12
CA ARG A 72 17.87 7.67 18.17
C ARG A 72 18.54 6.34 17.82
N SER A 73 17.77 5.42 17.26
CA SER A 73 18.30 4.11 16.89
C SER A 73 19.33 4.22 15.78
N GLN A 74 19.02 5.02 14.77
CA GLN A 74 19.94 5.24 13.67
C GLN A 74 20.08 6.74 13.56
N PRO A 75 21.29 7.22 13.75
CA PRO A 75 21.56 8.67 13.70
C PRO A 75 21.85 9.17 12.31
N VAL A 76 22.33 8.32 11.42
CA VAL A 76 22.47 8.63 10.00
C VAL A 76 21.52 7.70 9.27
N MET A 77 20.39 8.24 8.86
CA MET A 77 19.34 7.48 8.22
C MET A 77 19.05 7.94 6.81
N LYS A 78 18.66 6.99 5.98
CA LYS A 78 18.31 7.27 4.60
C LYS A 78 16.80 7.24 4.58
N VAL A 79 16.19 8.32 4.10
CA VAL A 79 14.74 8.39 4.08
C VAL A 79 14.17 9.03 2.83
N ALA A 80 12.91 8.74 2.56
CA ALA A 80 12.20 9.27 1.41
C ALA A 80 11.38 10.46 1.85
N VAL A 81 11.50 11.55 1.11
CA VAL A 81 10.80 12.79 1.41
C VAL A 81 9.77 13.14 0.35
N LYS A 82 8.59 13.54 0.81
CA LYS A 82 7.51 13.92 -0.08
C LYS A 82 7.34 15.42 -0.02
N MET A 83 7.35 16.07 -1.16
CA MET A 83 7.15 17.51 -1.17
C MET A 83 6.37 17.98 -2.38
N LEU A 84 5.68 19.10 -2.22
CA LEU A 84 4.90 19.69 -3.30
C LEU A 84 5.77 20.43 -4.30
N LYS A 85 5.27 20.56 -5.52
CA LYS A 85 5.97 21.28 -6.58
C LYS A 85 5.91 22.74 -6.23
N PRO A 86 6.85 23.57 -6.84
CA PRO A 86 6.77 24.98 -6.43
C PRO A 86 5.42 25.62 -6.76
N THR A 87 4.88 25.32 -7.93
CA THR A 87 3.60 25.90 -8.33
C THR A 87 2.60 25.88 -7.18
N ALA A 88 2.50 24.74 -6.50
CA ALA A 88 1.94 24.63 -5.14
C ALA A 88 0.62 25.38 -4.99
N ARG A 89 -0.42 24.81 -5.61
CA ARG A 89 -1.77 25.32 -5.38
C ARG A 89 -2.12 25.15 -3.91
N SER A 90 -2.80 26.15 -3.35
CA SER A 90 -2.94 26.25 -1.89
C SER A 90 -3.72 25.07 -1.32
N SER A 91 -4.75 24.60 -2.03
CA SER A 91 -5.50 23.44 -1.56
C SER A 91 -4.61 22.20 -1.52
N GLU A 92 -3.66 22.08 -2.45
CA GLU A 92 -2.72 20.97 -2.41
C GLU A 92 -1.86 21.02 -1.14
N LYS A 93 -1.41 22.21 -0.75
CA LYS A 93 -0.62 22.34 0.47
C LYS A 93 -1.38 21.84 1.68
N GLN A 94 -2.69 22.08 1.73
CA GLN A 94 -3.50 21.55 2.82
C GLN A 94 -3.63 20.04 2.72
N ALA A 95 -3.74 19.50 1.50
CA ALA A 95 -3.84 18.05 1.34
C ALA A 95 -2.60 17.34 1.88
N LEU A 96 -1.43 17.98 1.76
CA LEU A 96 -0.21 17.37 2.28
C LEU A 96 -0.19 17.39 3.80
N MET A 97 -0.57 18.52 4.40
CA MET A 97 -0.77 18.56 5.85
C MET A 97 -1.81 17.53 6.27
N SER A 98 -2.84 17.35 5.44
CA SER A 98 -3.88 16.37 5.74
C SER A 98 -3.32 14.96 5.78
N GLU A 99 -2.49 14.65 4.79
CA GLU A 99 -1.84 13.36 4.72
C GLU A 99 -0.98 13.23 5.97
N LEU A 100 -0.31 14.31 6.35
CA LEU A 100 0.53 14.26 7.53
C LEU A 100 -0.26 13.98 8.79
N LYS A 101 -1.40 14.63 8.93
CA LYS A 101 -2.24 14.43 10.11
C LYS A 101 -2.80 13.00 10.14
N ILE A 102 -3.18 12.47 8.98
CA ILE A 102 -3.71 11.11 8.92
C ILE A 102 -2.65 10.12 9.38
N MET A 103 -1.42 10.28 8.90
CA MET A 103 -0.32 9.41 9.33
C MET A 103 -0.14 9.45 10.84
N THR A 104 -0.20 10.65 11.40
CA THR A 104 -0.04 10.82 12.83
C THR A 104 -1.16 10.12 13.59
N HIS A 105 -2.38 10.21 13.06
CA HIS A 105 -3.54 9.63 13.73
C HIS A 105 -3.49 8.10 13.70
N LEU A 106 -3.08 7.53 12.56
CA LEU A 106 -3.04 6.08 12.43
C LEU A 106 -2.01 5.44 13.34
N GLY A 107 -0.89 6.12 13.56
CA GLY A 107 0.22 5.53 14.27
C GLY A 107 1.02 4.64 13.34
N PRO A 108 2.07 4.00 13.87
CA PRO A 108 2.97 3.22 13.02
C PRO A 108 2.59 1.75 12.95
N HIS A 109 3.05 1.11 11.87
CA HIS A 109 2.96 -0.33 11.73
C HIS A 109 4.12 -0.82 10.86
N LEU A 110 4.49 -2.08 11.07
CA LEU A 110 5.63 -2.65 10.36
C LEU A 110 5.40 -2.66 8.86
N ASN A 111 4.15 -2.87 8.43
CA ASN A 111 3.83 -3.14 7.04
C ASN A 111 3.15 -1.96 6.35
N ILE A 112 3.43 -0.73 6.80
CA ILE A 112 3.10 0.47 6.06
C ILE A 112 4.35 1.33 5.98
N VAL A 113 4.41 2.17 4.95
CA VAL A 113 5.45 3.18 4.92
C VAL A 113 5.16 4.19 6.01
N ASN A 114 6.03 4.26 7.00
CA ASN A 114 5.74 4.98 8.23
C ASN A 114 6.24 6.41 8.19
N LEU A 115 5.48 7.29 8.84
CA LEU A 115 5.90 8.67 9.01
C LEU A 115 7.07 8.75 9.99
N LEU A 116 8.07 9.56 9.65
CA LEU A 116 9.26 9.72 10.47
C LEU A 116 9.46 11.14 10.98
N GLY A 117 8.95 12.14 10.28
CA GLY A 117 9.13 13.52 10.67
C GLY A 117 8.59 14.43 9.59
N ALA A 118 8.67 15.73 9.86
CA ALA A 118 8.12 16.70 8.92
C ALA A 118 8.81 18.04 9.10
N CYS A 119 8.87 18.81 8.01
CA CYS A 119 9.39 20.17 7.99
C CYS A 119 8.25 21.07 7.50
N THR A 120 7.57 21.72 8.43
CA THR A 120 6.39 22.52 8.13
C THR A 120 6.53 23.99 8.42
N LYS A 121 7.60 24.42 9.07
CA LYS A 121 7.60 25.71 9.76
C LYS A 121 7.90 26.88 8.84
N SER A 122 8.95 26.77 7.99
CA SER A 122 9.51 27.89 7.24
C SER A 122 9.90 27.47 5.82
N GLY A 123 8.90 27.31 4.95
CA GLY A 123 9.11 26.97 3.57
C GLY A 123 8.16 25.89 3.08
N PRO A 124 8.51 25.26 1.96
CA PRO A 124 7.69 24.16 1.46
C PRO A 124 7.60 23.04 2.50
N ILE A 125 6.45 22.38 2.55
CA ILE A 125 6.20 21.32 3.52
C ILE A 125 6.87 20.04 3.04
N TYR A 126 7.51 19.34 3.97
CA TYR A 126 8.21 18.08 3.71
C TYR A 126 7.65 17.02 4.63
N ILE A 127 7.23 15.89 4.08
CA ILE A 127 6.85 14.73 4.85
C ILE A 127 7.98 13.70 4.75
N ILE A 128 8.56 13.36 5.89
CA ILE A 128 9.66 12.41 5.92
C ILE A 128 9.09 11.03 6.12
N THR A 129 9.53 10.07 5.31
CA THR A 129 9.01 8.72 5.42
C THR A 129 10.07 7.65 5.24
N GLU A 130 9.72 6.43 5.61
CA GLU A 130 10.63 5.31 5.51
C GLU A 130 11.06 5.12 4.07
N TYR A 131 12.31 4.72 3.89
CA TYR A 131 12.88 4.48 2.57
C TYR A 131 12.80 2.99 2.30
N CYS A 132 12.29 2.63 1.12
CA CYS A 132 12.11 1.22 0.77
C CYS A 132 13.11 0.86 -0.30
N PHE A 133 14.11 0.05 0.07
CA PHE A 133 15.30 -0.12 -0.78
C PHE A 133 14.95 -0.75 -2.11
N TYR A 134 14.02 -1.69 -2.12
CA TYR A 134 13.71 -2.46 -3.31
C TYR A 134 12.64 -1.81 -4.19
N GLY A 135 12.11 -0.66 -3.81
CA GLY A 135 11.14 -0.10 -4.74
C GLY A 135 9.79 -0.80 -4.65
N ASP A 136 8.94 -0.48 -5.62
CA ASP A 136 7.59 -1.03 -5.68
C ASP A 136 7.62 -2.51 -6.00
N LEU A 137 6.59 -3.20 -5.52
CA LEU A 137 6.47 -4.63 -5.72
C LEU A 137 6.36 -5.01 -7.18
N VAL A 138 5.62 -4.22 -7.94
CA VAL A 138 5.44 -4.55 -9.35
C VAL A 138 6.74 -4.54 -10.11
N ASN A 139 7.55 -3.51 -9.91
CA ASN A 139 8.83 -3.41 -10.58
C ASN A 139 9.77 -4.55 -10.18
N TYR A 140 9.76 -4.88 -8.90
CA TYR A 140 10.61 -5.92 -8.33
C TYR A 140 10.26 -7.28 -8.90
N LEU A 141 8.98 -7.56 -9.04
CA LEU A 141 8.58 -8.84 -9.57
C LEU A 141 9.06 -8.98 -11.00
N HIS A 142 8.94 -7.91 -11.77
CA HIS A 142 9.37 -7.92 -13.14
C HIS A 142 10.86 -8.16 -13.25
N LYS A 143 11.61 -7.51 -12.37
CA LYS A 143 13.07 -7.63 -12.39
C LYS A 143 13.54 -9.03 -12.06
N ASN A 144 12.79 -9.75 -11.21
CA ASN A 144 13.17 -11.08 -10.77
C ASN A 144 12.31 -12.17 -11.41
N ARG A 145 11.66 -11.86 -12.53
CA ARG A 145 10.77 -12.82 -13.18
C ARG A 145 11.54 -14.06 -13.63
N ASP A 146 12.62 -13.85 -14.39
CA ASP A 146 13.35 -14.96 -14.99
C ASP A 146 13.95 -15.86 -13.94
N SER A 147 14.34 -15.30 -12.79
CA SER A 147 15.00 -16.07 -11.74
C SER A 147 14.05 -16.95 -10.96
N PHE A 148 12.75 -16.92 -11.25
CA PHE A 148 11.77 -17.56 -10.38
C PHE A 148 11.82 -19.08 -10.52
N LEU A 149 11.95 -19.76 -9.39
CA LEU A 149 11.81 -21.21 -9.29
C LEU A 149 10.77 -21.52 -8.22
N SER A 150 9.92 -22.53 -8.48
CA SER A 150 8.77 -22.79 -7.63
C SER A 150 9.17 -23.44 -6.31
N HIS A 151 9.55 -24.70 -6.34
CA HIS A 151 9.88 -25.48 -5.14
C HIS A 151 8.71 -25.49 -4.16
N GLU A 160 16.18 -24.04 6.22
CA GLU A 160 16.88 -22.77 6.36
C GLU A 160 16.48 -21.78 5.27
N VAL A 161 15.66 -22.24 4.32
CA VAL A 161 15.05 -21.33 3.35
C VAL A 161 14.14 -20.34 4.07
N LYS A 162 13.50 -20.79 5.15
CA LYS A 162 12.55 -19.95 5.86
C LYS A 162 13.25 -18.83 6.63
N ASN A 163 14.43 -19.12 7.20
CA ASN A 163 15.16 -18.10 7.93
C ASN A 163 15.62 -16.98 7.00
N LEU A 164 15.95 -17.33 5.75
CA LEU A 164 16.48 -16.35 4.81
C LEU A 164 15.40 -15.39 4.31
N LEU A 165 14.14 -15.82 4.35
CA LEU A 165 13.04 -15.10 3.70
C LEU A 165 13.01 -13.62 4.11
N SER A 166 12.97 -13.35 5.40
CA SER A 166 12.89 -11.97 5.90
C SER A 166 14.27 -11.36 6.09
N ASP A 167 15.22 -11.68 5.21
CA ASP A 167 16.55 -11.09 5.23
C ASP A 167 16.90 -10.57 3.83
N ASP A 168 18.03 -9.87 3.74
CA ASP A 168 18.52 -9.34 2.47
C ASP A 168 19.37 -10.34 1.70
N ASN A 169 19.51 -11.57 2.20
CA ASN A 169 20.39 -12.53 1.55
C ASN A 169 19.89 -12.84 0.14
N SER A 170 20.85 -13.18 -0.73
CA SER A 170 20.61 -13.25 -2.17
C SER A 170 20.33 -14.70 -2.57
N GLU A 171 19.15 -14.92 -3.16
CA GLU A 171 18.79 -16.21 -3.73
C GLU A 171 17.62 -16.00 -4.67
N GLY A 172 17.37 -16.99 -5.51
CA GLY A 172 16.29 -16.89 -6.47
C GLY A 172 14.94 -16.70 -5.80
N LEU A 173 14.05 -15.98 -6.48
CA LEU A 173 12.72 -15.76 -5.96
C LEU A 173 11.95 -17.07 -5.95
N THR A 174 11.26 -17.33 -4.84
CA THR A 174 10.58 -18.60 -4.64
C THR A 174 9.13 -18.36 -4.22
N LEU A 175 8.36 -19.45 -4.22
CA LEU A 175 6.97 -19.39 -3.78
C LEU A 175 6.85 -18.92 -2.34
N LEU A 176 7.86 -19.21 -1.51
CA LEU A 176 7.84 -18.73 -0.13
C LEU A 176 7.89 -17.22 -0.07
N ASP A 177 8.72 -16.60 -0.92
CA ASP A 177 8.75 -15.14 -1.00
C ASP A 177 7.38 -14.59 -1.35
N LEU A 178 6.74 -15.13 -2.40
CA LEU A 178 5.42 -14.65 -2.80
C LEU A 178 4.42 -14.77 -1.66
N LEU A 179 4.48 -15.88 -0.91
CA LEU A 179 3.58 -16.02 0.23
C LEU A 179 3.94 -15.05 1.35
N SER A 180 5.24 -14.74 1.50
CA SER A 180 5.65 -13.75 2.48
C SER A 180 5.08 -12.37 2.15
N PHE A 181 5.21 -11.97 0.88
CA PHE A 181 4.59 -10.71 0.45
C PHE A 181 3.09 -10.74 0.69
N THR A 182 2.45 -11.88 0.42
CA THR A 182 1.02 -12.02 0.61
C THR A 182 0.65 -11.84 2.07
N TYR A 183 1.36 -12.52 2.97
CA TYR A 183 1.06 -12.42 4.40
C TYR A 183 1.25 -11.00 4.91
N GLN A 184 2.33 -10.33 4.49
CA GLN A 184 2.64 -9.02 5.03
C GLN A 184 1.62 -7.98 4.59
N VAL A 185 1.19 -8.03 3.33
CA VAL A 185 0.16 -7.11 2.85
C VAL A 185 -1.12 -7.30 3.65
N ALA A 186 -1.48 -8.54 3.95
CA ALA A 186 -2.65 -8.80 4.80
C ALA A 186 -2.46 -8.20 6.18
N ARG A 187 -1.28 -8.39 6.76
CA ARG A 187 -1.03 -7.83 8.07
C ARG A 187 -1.15 -6.32 7.98
N GLY A 188 -0.65 -5.75 6.89
CA GLY A 188 -0.72 -4.32 6.74
C GLY A 188 -2.15 -3.84 6.71
N MET A 189 -3.00 -4.54 5.99
CA MET A 189 -4.40 -4.16 5.90
C MET A 189 -5.10 -4.24 7.25
N GLU A 190 -4.77 -5.27 8.01
CA GLU A 190 -5.43 -5.46 9.28
C GLU A 190 -5.18 -4.25 10.13
N PHE A 191 -3.96 -3.73 10.13
CA PHE A 191 -3.69 -2.56 10.92
C PHE A 191 -4.55 -1.43 10.38
N LEU A 192 -4.56 -1.28 9.06
CA LEU A 192 -5.35 -0.23 8.44
C LEU A 192 -6.83 -0.43 8.66
N ALA A 193 -7.28 -1.67 8.52
CA ALA A 193 -8.68 -1.96 8.73
C ALA A 193 -9.05 -1.71 10.18
N SER A 194 -8.14 -2.10 11.06
CA SER A 194 -8.36 -1.95 12.49
C SER A 194 -8.51 -0.49 12.91
N LYS A 195 -7.93 0.43 12.16
CA LYS A 195 -8.10 1.86 12.38
C LYS A 195 -9.26 2.46 11.58
N ASN A 196 -10.08 1.60 10.96
CA ASN A 196 -11.18 2.03 10.11
C ASN A 196 -10.71 2.94 8.98
N CYS A 197 -9.51 2.64 8.47
CA CYS A 197 -8.94 3.35 7.34
C CYS A 197 -9.19 2.53 6.08
N VAL A 198 -9.73 3.19 5.06
CA VAL A 198 -10.00 2.58 3.76
C VAL A 198 -8.96 3.09 2.78
N HIS A 199 -8.21 2.16 2.19
CA HIS A 199 -7.13 2.53 1.27
C HIS A 199 -7.67 3.07 -0.04
N ARG A 200 -8.56 2.32 -0.69
CA ARG A 200 -9.23 2.69 -1.94
C ARG A 200 -8.32 2.68 -3.16
N ASP A 201 -7.04 2.38 -3.01
CA ASP A 201 -6.16 2.24 -4.18
C ASP A 201 -5.13 1.14 -3.91
N LEU A 202 -5.57 0.04 -3.30
CA LEU A 202 -4.65 -1.05 -3.01
C LEU A 202 -4.27 -1.75 -4.30
N ALA A 203 -2.96 -1.77 -4.60
CA ALA A 203 -2.44 -2.44 -5.78
C ALA A 203 -0.95 -2.67 -5.57
N ALA A 204 -0.38 -3.54 -6.41
CA ALA A 204 1.03 -3.90 -6.26
C ALA A 204 1.94 -2.71 -6.49
N ARG A 205 1.49 -1.72 -7.27
CA ARG A 205 2.24 -0.49 -7.45
C ARG A 205 2.25 0.39 -6.21
N ASN A 206 1.37 0.13 -5.25
CA ASN A 206 1.32 0.87 -3.99
C ASN A 206 1.87 0.07 -2.82
N VAL A 207 2.61 -1.00 -3.09
CA VAL A 207 3.26 -1.80 -2.06
C VAL A 207 4.76 -1.74 -2.33
N LEU A 208 5.49 -1.14 -1.40
CA LEU A 208 6.92 -1.00 -1.51
C LEU A 208 7.60 -2.09 -0.72
N LEU A 209 8.85 -2.35 -1.03
CA LEU A 209 9.63 -3.36 -0.34
C LEU A 209 10.79 -2.66 0.35
N ALA A 210 11.05 -3.05 1.59
CA ALA A 210 12.12 -2.45 2.38
C ALA A 210 13.24 -3.44 2.59
N GLN A 211 14.39 -2.95 3.04
CA GLN A 211 15.52 -3.83 3.25
C GLN A 211 15.08 -4.89 4.23
N GLY A 212 15.48 -6.13 3.97
CA GLY A 212 15.08 -7.24 4.80
C GLY A 212 13.84 -7.85 4.18
N LYS A 213 13.41 -7.29 3.05
CA LYS A 213 12.25 -7.82 2.33
C LYS A 213 10.96 -7.64 3.12
N ILE A 214 10.83 -6.49 3.77
CA ILE A 214 9.60 -6.10 4.47
C ILE A 214 8.73 -5.31 3.51
N VAL A 215 7.50 -5.78 3.29
CA VAL A 215 6.58 -5.03 2.43
C VAL A 215 5.93 -3.93 3.25
N LYS A 216 5.71 -2.78 2.62
CA LYS A 216 5.14 -1.63 3.29
C LYS A 216 4.10 -1.00 2.37
N ILE A 217 2.83 -1.07 2.79
CA ILE A 217 1.76 -0.46 2.02
C ILE A 217 1.84 1.05 2.16
N CYS A 218 1.59 1.76 1.06
CA CYS A 218 1.58 3.22 1.12
C CYS A 218 0.77 3.75 -0.05
N ASP A 219 0.37 5.01 0.09
CA ASP A 219 -0.19 5.76 -1.02
C ASP A 219 0.94 6.48 -1.74
N PHE A 220 1.11 6.16 -3.02
CA PHE A 220 2.06 6.81 -3.91
C PHE A 220 1.49 8.10 -4.51
N GLY A 221 0.29 8.50 -4.10
CA GLY A 221 -0.55 9.35 -4.94
C GLY A 221 0.09 10.69 -5.28
N LEU A 222 0.57 11.41 -4.27
CA LEU A 222 1.08 12.76 -4.52
C LEU A 222 2.31 12.76 -5.41
N ALA A 223 3.15 11.73 -5.33
CA ALA A 223 4.33 11.67 -6.20
C ALA A 223 4.02 11.07 -7.56
N ARG A 224 2.99 10.24 -7.65
CA ARG A 224 2.65 9.64 -8.93
C ARG A 224 1.72 10.57 -9.70
N ASP A 225 1.86 10.54 -11.03
CA ASP A 225 0.91 11.21 -11.92
C ASP A 225 -0.04 10.15 -12.45
N ILE A 226 -1.33 10.36 -12.25
CA ILE A 226 -2.35 9.47 -12.80
C ILE A 226 -2.42 9.61 -14.31
N MET A 227 -2.22 10.82 -14.83
CA MET A 227 -2.42 11.06 -16.27
C MET A 227 -1.52 10.16 -17.12
N HIS A 228 -0.28 9.98 -16.72
CA HIS A 228 0.64 9.16 -17.52
C HIS A 228 0.41 7.68 -17.28
N ASP A 229 -0.14 7.31 -16.13
CA ASP A 229 -0.27 5.90 -15.78
C ASP A 229 -1.42 5.25 -16.54
N SER A 230 -1.15 4.06 -17.09
CA SER A 230 -2.10 3.42 -17.99
C SER A 230 -3.31 2.84 -17.26
N ASN A 231 -3.12 2.42 -16.01
CA ASN A 231 -4.17 1.66 -15.32
C ASN A 231 -5.38 2.52 -15.02
N TYR A 232 -5.17 3.80 -14.71
CA TYR A 232 -6.28 4.64 -14.28
C TYR A 232 -7.14 5.04 -15.46
N VAL A 233 -8.46 5.00 -15.26
CA VAL A 233 -9.45 5.26 -16.30
C VAL A 233 -10.26 6.47 -15.89
N SER A 234 -10.49 7.38 -16.82
CA SER A 234 -11.17 8.62 -16.51
C SER A 234 -12.63 8.38 -16.15
N LYS A 235 -13.11 9.09 -15.14
CA LYS A 235 -14.51 9.02 -14.76
C LYS A 235 -14.88 10.31 -14.03
N GLY A 236 -15.87 11.02 -14.57
CA GLY A 236 -16.38 12.24 -13.98
C GLY A 236 -15.33 13.18 -13.43
N SER A 237 -14.35 13.54 -14.26
CA SER A 237 -13.22 14.43 -13.94
C SER A 237 -12.22 13.81 -12.97
N THR A 238 -12.35 12.51 -12.67
CA THR A 238 -11.35 11.81 -11.88
C THR A 238 -10.96 10.53 -12.62
N PHE A 239 -9.98 9.82 -12.07
CA PHE A 239 -9.40 8.64 -12.70
C PHE A 239 -9.30 7.53 -11.67
N LEU A 240 -9.86 6.37 -12.01
CA LEU A 240 -10.09 5.33 -11.04
C LEU A 240 -9.32 4.06 -11.40
N PRO A 241 -8.78 3.39 -10.45
CA PRO A 241 -8.10 2.10 -10.69
C PRO A 241 -9.11 0.98 -10.90
N VAL A 242 -9.79 1.05 -12.05
CA VAL A 242 -11.01 0.26 -12.26
C VAL A 242 -10.74 -1.23 -12.11
N LYS A 243 -9.62 -1.72 -12.66
CA LYS A 243 -9.34 -3.14 -12.61
C LYS A 243 -9.15 -3.65 -11.19
N TRP A 244 -8.85 -2.78 -10.24
CA TRP A 244 -8.69 -3.17 -8.85
C TRP A 244 -9.92 -2.87 -8.00
N MET A 245 -10.95 -2.26 -8.57
CA MET A 245 -12.10 -1.79 -7.81
C MET A 245 -13.18 -2.87 -7.73
N ALA A 246 -13.77 -2.98 -6.55
CA ALA A 246 -14.92 -3.84 -6.36
C ALA A 246 -16.12 -3.30 -7.15
N PRO A 247 -17.08 -4.16 -7.51
CA PRO A 247 -18.24 -3.67 -8.26
C PRO A 247 -18.99 -2.55 -7.57
N GLU A 248 -19.17 -2.62 -6.25
CA GLU A 248 -19.86 -1.56 -5.53
C GLU A 248 -19.12 -0.23 -5.66
N SER A 249 -17.79 -0.26 -5.70
CA SER A 249 -17.03 0.97 -5.90
C SER A 249 -17.20 1.48 -7.32
N ILE A 250 -17.21 0.58 -8.30
CA ILE A 250 -17.35 0.97 -9.70
C ILE A 250 -18.71 1.61 -9.93
N PHE A 251 -19.75 0.78 -9.82
CA PHE A 251 -21.13 1.20 -10.04
C PHE A 251 -21.81 2.12 -9.03
N ASP A 252 -21.66 1.80 -7.73
CA ASP A 252 -22.30 2.58 -6.68
C ASP A 252 -21.44 3.62 -5.95
N ASN A 253 -20.15 3.71 -6.28
CA ASN A 253 -19.28 4.67 -5.64
C ASN A 253 -19.15 4.55 -4.12
N LEU A 254 -19.12 3.32 -3.63
CA LEU A 254 -18.98 3.07 -2.20
C LEU A 254 -17.66 2.35 -1.94
N TYR A 255 -16.85 2.89 -1.03
CA TYR A 255 -15.57 2.30 -0.69
C TYR A 255 -15.56 1.92 0.79
N THR A 256 -15.28 0.65 1.08
CA THR A 256 -15.18 0.18 2.45
C THR A 256 -13.94 -0.70 2.57
N THR A 257 -13.73 -1.22 3.78
CA THR A 257 -12.68 -2.23 3.98
C THR A 257 -13.01 -3.48 3.19
N LEU A 258 -14.31 -3.74 2.95
CA LEU A 258 -14.70 -4.88 2.14
C LEU A 258 -14.30 -4.72 0.67
N SER A 259 -14.32 -3.49 0.16
CA SER A 259 -13.85 -3.29 -1.20
C SER A 259 -12.33 -3.32 -1.28
N ASP A 260 -11.64 -2.97 -0.20
CA ASP A 260 -10.19 -3.17 -0.15
C ASP A 260 -9.84 -4.64 -0.22
N VAL A 261 -10.67 -5.49 0.40
CA VAL A 261 -10.46 -6.94 0.32
C VAL A 261 -10.55 -7.40 -1.13
N TRP A 262 -11.46 -6.82 -1.91
CA TRP A 262 -11.50 -7.09 -3.34
C TRP A 262 -10.18 -6.72 -4.01
N SER A 263 -9.69 -5.50 -3.74
CA SER A 263 -8.42 -5.06 -4.32
C SER A 263 -7.29 -6.00 -3.90
N TYR A 264 -7.33 -6.49 -2.66
CA TYR A 264 -6.31 -7.42 -2.20
C TYR A 264 -6.27 -8.68 -3.05
N GLY A 265 -7.45 -9.21 -3.40
CA GLY A 265 -7.48 -10.38 -4.27
C GLY A 265 -6.84 -10.11 -5.62
N ILE A 266 -7.19 -8.98 -6.22
CA ILE A 266 -6.54 -8.56 -7.46
C ILE A 266 -5.04 -8.44 -7.25
N LEU A 267 -4.63 -7.89 -6.10
CA LEU A 267 -3.21 -7.76 -5.81
C LEU A 267 -2.53 -9.11 -5.75
N LEU A 268 -3.18 -10.10 -5.15
CA LEU A 268 -2.59 -11.44 -5.12
C LEU A 268 -2.42 -11.99 -6.53
N TRP A 269 -3.37 -11.70 -7.42
CA TRP A 269 -3.21 -12.11 -8.81
C TRP A 269 -1.97 -11.45 -9.40
N GLU A 270 -1.76 -10.17 -9.11
CA GLU A 270 -0.54 -9.50 -9.54
C GLU A 270 0.69 -10.21 -9.01
N ILE A 271 0.66 -10.60 -7.73
CA ILE A 271 1.82 -11.24 -7.11
C ILE A 271 2.10 -12.57 -7.76
N PHE A 272 1.10 -13.44 -7.84
CA PHE A 272 1.31 -14.80 -8.32
C PHE A 272 1.31 -14.92 -9.83
N SER A 273 1.21 -13.79 -10.55
CA SER A 273 1.53 -13.74 -11.97
C SER A 273 2.86 -13.05 -12.22
N LEU A 274 3.62 -12.78 -11.14
CA LEU A 274 4.94 -12.15 -11.22
C LEU A 274 4.87 -10.78 -11.89
N GLY A 275 3.87 -9.98 -11.50
CA GLY A 275 3.73 -8.63 -12.01
C GLY A 275 2.91 -8.46 -13.26
N GLY A 276 2.06 -9.43 -13.60
CA GLY A 276 1.22 -9.29 -14.77
C GLY A 276 0.15 -8.24 -14.58
N THR A 277 -0.38 -7.77 -15.70
CA THR A 277 -1.47 -6.81 -15.66
C THR A 277 -2.80 -7.55 -15.46
N PRO A 278 -3.63 -7.12 -14.52
CA PRO A 278 -4.90 -7.82 -14.30
C PRO A 278 -5.78 -7.80 -15.54
N TYR A 279 -6.57 -8.85 -15.69
CA TYR A 279 -7.44 -9.04 -16.85
C TYR A 279 -6.64 -8.87 -18.14
N PRO A 280 -5.63 -9.71 -18.37
CA PRO A 280 -4.77 -9.51 -19.53
C PRO A 280 -5.55 -9.60 -20.82
N GLY A 281 -5.25 -8.68 -21.74
CA GLY A 281 -5.96 -8.57 -22.99
C GLY A 281 -7.29 -7.86 -22.92
N MET A 282 -7.78 -7.54 -21.73
CA MET A 282 -9.09 -6.94 -21.56
C MET A 282 -8.93 -5.45 -21.26
N MET A 283 -9.41 -4.60 -22.15
CA MET A 283 -9.40 -3.16 -21.94
C MET A 283 -10.68 -2.72 -21.24
N VAL A 284 -10.56 -1.72 -20.39
CA VAL A 284 -11.70 -1.24 -19.61
C VAL A 284 -12.63 -0.49 -20.56
N ASP A 285 -13.79 -1.08 -20.87
CA ASP A 285 -14.76 -0.46 -21.76
C ASP A 285 -16.16 -0.90 -21.34
N SER A 286 -17.14 -0.63 -22.20
CA SER A 286 -18.52 -0.97 -21.88
C SER A 286 -18.67 -2.47 -21.63
N THR A 287 -17.99 -3.30 -22.42
CA THR A 287 -18.11 -4.74 -22.25
C THR A 287 -17.35 -5.25 -21.04
N PHE A 288 -16.32 -4.54 -20.59
CA PHE A 288 -15.65 -4.93 -19.34
C PHE A 288 -16.60 -4.81 -18.16
N TYR A 289 -17.21 -3.63 -18.00
CA TYR A 289 -18.15 -3.42 -16.90
C TYR A 289 -19.27 -4.45 -16.93
N ASN A 290 -19.74 -4.80 -18.13
CA ASN A 290 -20.79 -5.82 -18.25
C ASN A 290 -20.30 -7.16 -17.74
N LYS A 291 -19.03 -7.48 -17.97
CA LYS A 291 -18.50 -8.77 -17.56
C LYS A 291 -18.29 -8.84 -16.05
N ILE A 292 -17.77 -7.78 -15.45
CA ILE A 292 -17.64 -7.72 -13.99
C ILE A 292 -19.02 -7.84 -13.35
N LYS A 293 -19.97 -7.06 -13.85
CA LYS A 293 -21.37 -7.23 -13.45
C LYS A 293 -21.89 -8.62 -13.77
N SER A 294 -21.40 -9.24 -14.86
CA SER A 294 -21.84 -10.60 -15.21
C SER A 294 -21.42 -11.64 -14.19
N GLY A 295 -20.40 -11.36 -13.39
CA GLY A 295 -19.77 -12.37 -12.57
C GLY A 295 -18.45 -12.90 -13.11
N TYR A 296 -17.85 -12.21 -14.08
CA TYR A 296 -16.57 -12.64 -14.60
C TYR A 296 -15.50 -12.49 -13.52
N ARG A 297 -14.69 -13.53 -13.36
CA ARG A 297 -13.52 -13.49 -12.50
C ARG A 297 -12.32 -14.05 -13.25
N MET A 298 -11.13 -13.57 -12.92
CA MET A 298 -9.94 -14.05 -13.57
C MET A 298 -9.70 -15.52 -13.22
N ALA A 299 -9.01 -16.22 -14.13
CA ALA A 299 -8.60 -17.59 -13.86
C ALA A 299 -7.33 -17.59 -13.02
N LYS A 300 -6.94 -18.79 -12.59
CA LYS A 300 -5.76 -18.91 -11.73
C LYS A 300 -4.50 -18.51 -12.47
N PRO A 301 -3.66 -17.64 -11.91
CA PRO A 301 -2.38 -17.32 -12.55
C PRO A 301 -1.43 -18.50 -12.49
N ASP A 302 -0.36 -18.41 -13.28
CA ASP A 302 0.48 -19.58 -13.56
C ASP A 302 1.15 -20.10 -12.29
N HIS A 303 1.59 -19.21 -11.43
CA HIS A 303 2.30 -19.66 -10.24
C HIS A 303 1.45 -19.78 -8.97
N ALA A 304 0.17 -19.44 -9.07
CA ALA A 304 -0.67 -19.52 -7.90
C ALA A 304 -0.85 -20.95 -7.45
N THR A 305 -0.71 -21.16 -6.15
CA THR A 305 -0.92 -22.49 -5.58
C THR A 305 -2.41 -22.63 -5.63
N SER A 306 -2.91 -23.84 -5.52
CA SER A 306 -4.34 -24.04 -5.57
C SER A 306 -4.99 -23.27 -4.42
N GLU A 307 -4.35 -23.28 -3.26
CA GLU A 307 -4.88 -22.59 -2.10
C GLU A 307 -4.99 -21.06 -2.20
N VAL A 308 -3.97 -20.42 -2.75
CA VAL A 308 -3.99 -18.98 -2.89
C VAL A 308 -5.12 -18.56 -3.82
N TYR A 309 -5.26 -19.26 -4.94
CA TYR A 309 -6.34 -18.90 -5.85
C TYR A 309 -7.68 -18.94 -5.14
N GLU A 310 -7.88 -19.93 -4.27
CA GLU A 310 -9.08 -19.97 -3.45
C GLU A 310 -9.24 -18.68 -2.65
N ILE A 311 -8.13 -18.12 -2.17
CA ILE A 311 -8.19 -16.85 -1.44
C ILE A 311 -8.65 -15.73 -2.36
N MET A 312 -8.07 -15.66 -3.57
CA MET A 312 -8.48 -14.64 -4.54
C MET A 312 -9.97 -14.73 -4.81
N VAL A 313 -10.47 -15.94 -5.01
CA VAL A 313 -11.89 -16.13 -5.32
C VAL A 313 -12.76 -15.65 -4.17
N LYS A 314 -12.35 -15.95 -2.93
CA LYS A 314 -13.12 -15.52 -1.77
C LYS A 314 -13.17 -14.00 -1.68
N CYS A 315 -12.05 -13.33 -1.96
CA CYS A 315 -12.01 -11.87 -1.92
C CYS A 315 -12.85 -11.25 -3.03
N TRP A 316 -13.15 -12.01 -4.09
CA TRP A 316 -13.91 -11.50 -5.22
C TRP A 316 -15.39 -11.88 -5.14
N ASN A 317 -15.91 -12.09 -3.94
CA ASN A 317 -17.33 -12.41 -3.81
C ASN A 317 -18.17 -11.18 -4.14
N SER A 318 -19.25 -11.41 -4.88
CA SER A 318 -20.11 -10.30 -5.30
C SER A 318 -20.81 -9.65 -4.11
N GLU A 319 -21.06 -10.42 -3.05
CA GLU A 319 -21.67 -9.88 -1.85
C GLU A 319 -20.58 -9.42 -0.90
N PRO A 320 -20.42 -8.12 -0.66
CA PRO A 320 -19.27 -7.64 0.11
C PRO A 320 -19.14 -8.26 1.49
N GLU A 321 -20.25 -8.44 2.20
CA GLU A 321 -20.20 -9.00 3.55
C GLU A 321 -19.72 -10.46 3.58
N LYS A 322 -19.73 -11.15 2.44
CA LYS A 322 -19.22 -12.51 2.36
C LYS A 322 -17.73 -12.58 2.09
N ARG A 323 -17.08 -11.45 1.80
CA ARG A 323 -15.64 -11.45 1.63
C ARG A 323 -14.96 -11.60 2.98
N PRO A 324 -13.83 -12.30 3.05
CA PRO A 324 -13.17 -12.53 4.35
C PRO A 324 -12.57 -11.25 4.91
N SER A 325 -12.55 -11.17 6.24
CA SER A 325 -11.95 -10.04 6.91
C SER A 325 -10.44 -10.09 6.81
N PHE A 326 -9.81 -8.92 6.90
CA PHE A 326 -8.36 -8.85 6.73
C PHE A 326 -7.63 -9.59 7.84
N TYR A 327 -8.12 -9.46 9.08
CA TYR A 327 -7.63 -10.33 10.15
C TYR A 327 -7.75 -11.79 9.76
N HIS A 328 -8.93 -12.19 9.28
CA HIS A 328 -9.16 -13.58 8.89
C HIS A 328 -8.15 -14.03 7.84
N LEU A 329 -7.87 -13.18 6.86
CA LEU A 329 -6.96 -13.56 5.78
C LEU A 329 -5.56 -13.87 6.30
N SER A 330 -5.05 -13.06 7.22
CA SER A 330 -3.73 -13.30 7.80
C SER A 330 -3.62 -14.71 8.36
N GLU A 331 -4.67 -15.20 9.01
CA GLU A 331 -4.61 -16.55 9.54
C GLU A 331 -4.52 -17.58 8.42
N ILE A 332 -5.27 -17.37 7.35
CA ILE A 332 -5.27 -18.30 6.24
C ILE A 332 -3.92 -18.42 5.57
N VAL A 333 -3.28 -17.28 5.36
CA VAL A 333 -1.95 -17.25 4.76
C VAL A 333 -0.91 -17.80 5.72
N GLU A 334 -1.04 -17.53 7.02
CA GLU A 334 -0.09 -18.02 8.00
C GLU A 334 0.00 -19.55 7.97
N ASN A 335 -1.12 -20.22 7.72
CA ASN A 335 -1.14 -21.67 7.64
C ASN A 335 -0.53 -22.21 6.35
N LEU A 336 -0.44 -21.39 5.30
CA LEU A 336 0.29 -21.75 4.09
C LEU A 336 1.80 -21.54 4.23
N LEU A 337 2.24 -21.01 5.37
CA LEU A 337 3.67 -20.74 5.60
C LEU A 337 4.24 -21.51 6.78
N PRO A 338 5.49 -21.93 6.67
CA PRO A 338 6.10 -22.71 7.76
C PRO A 338 5.97 -22.00 9.10
N GLY A 339 5.93 -22.80 10.17
CA GLY A 339 5.81 -22.24 11.50
C GLY A 339 6.97 -21.33 11.87
N GLN A 340 8.15 -21.58 11.30
CA GLN A 340 9.29 -20.74 11.60
C GLN A 340 9.12 -19.32 11.06
N TYR A 341 8.38 -19.17 9.96
CA TYR A 341 8.17 -17.85 9.38
C TYR A 341 7.44 -16.95 10.35
N LYS A 342 6.36 -17.44 10.95
CA LYS A 342 5.61 -16.63 11.91
C LYS A 342 6.48 -16.26 13.11
N LYS A 343 7.36 -17.18 13.53
CA LYS A 343 8.33 -16.85 14.57
C LYS A 343 9.22 -15.70 14.14
N SER A 344 9.75 -15.77 12.91
CA SER A 344 10.63 -14.71 12.41
C SER A 344 9.89 -13.39 12.30
N TYR A 345 8.63 -13.42 11.87
CA TYR A 345 7.86 -12.19 11.75
C TYR A 345 7.63 -11.54 13.11
N GLU A 346 7.30 -12.34 14.12
CA GLU A 346 7.03 -11.79 15.45
C GLU A 346 8.26 -11.08 16.01
N LYS A 347 9.45 -11.66 15.80
CA LYS A 347 10.67 -11.02 16.24
C LYS A 347 10.89 -9.68 15.54
N ILE A 348 10.75 -9.67 14.22
CA ILE A 348 10.89 -8.44 13.45
C ILE A 348 9.80 -7.44 13.83
N HIS A 349 8.62 -7.94 14.19
CA HIS A 349 7.57 -7.07 14.72
C HIS A 349 8.03 -6.36 15.99
N LEU A 350 8.59 -7.14 16.93
CA LEU A 350 9.05 -6.55 18.19
C LEU A 350 10.21 -5.58 17.97
N ASP A 351 11.21 -5.99 17.18
CA ASP A 351 12.33 -5.12 16.88
C ASP A 351 11.87 -3.79 16.31
N PHE A 352 10.95 -3.84 15.34
CA PHE A 352 10.40 -2.62 14.76
C PHE A 352 9.77 -1.74 15.82
N LEU A 353 8.99 -2.34 16.73
CA LEU A 353 8.32 -1.54 17.75
C LEU A 353 9.31 -0.97 18.76
N LYS A 354 10.39 -1.68 19.03
CA LYS A 354 11.42 -1.18 19.94
C LYS A 354 12.34 -0.16 19.29
N SER A 355 12.28 0.00 17.96
CA SER A 355 13.18 0.89 17.25
C SER A 355 13.06 2.30 17.79
N ASP A 356 14.20 2.95 18.02
CA ASP A 356 14.27 4.25 18.69
C ASP A 356 13.77 4.17 20.13
#